data_5FBC
#
_entry.id   5FBC
#
_cell.length_a   41.894
_cell.length_b   62.585
_cell.length_c   48.242
_cell.angle_alpha   90.00
_cell.angle_beta   106.97
_cell.angle_gamma   90.00
#
_symmetry.space_group_name_H-M   'P 1 21 1'
#
loop_
_entity.id
_entity.type
_entity.pdbx_description
1 polymer 'Nuclease S1'
2 non-polymer 'ZINC ION'
3 non-polymer 2-acetamido-2-deoxy-beta-D-glucopyranose
4 non-polymer "2-DEOXY-ADENOSINE -5'-THIO-MONOPHOSPHATE"
5 non-polymer GLYCEROL
6 water water
#
_entity_poly.entity_id   1
_entity_poly.type   'polypeptide(L)'
_entity_poly.pdbx_seq_one_letter_code
;WGNLGHETVAYIAQSFVASSTESFCQNILGDDSTSYLANVATWADTYKYTDAGEFSKPYHFIDAQDNPPQSCGVDYDRDC
GSAGCSISAIQNYTNILLESPNGSEALNALKFVVHIIGDIHQPLHDENLEAGGNGIDVTYDGETTNLHHIWDTNMPEEAA
GGYSLSVAKTYADLLTERIKTGTYSSKKDSWTDGIDIKDPVSTSMIWAADANTYVCSTVLDDGLAYINSTDLSGEYYDKS
QPVFEELIAKAGYRLAAWLDLIASQPS
;
_entity_poly.pdbx_strand_id   A
#
loop_
_chem_comp.id
_chem_comp.type
_chem_comp.name
_chem_comp.formula
AS DNA linking '2-DEOXY-ADENOSINE -5'-THIO-MONOPHOSPHATE' 'C10 H14 N5 O5 P S'
GOL non-polymer GLYCEROL 'C3 H8 O3'
NAG D-saccharide, beta linking 2-acetamido-2-deoxy-beta-D-glucopyranose 'C8 H15 N O6'
ZN non-polymer 'ZINC ION' 'Zn 2'
#
# COMPACT_ATOMS: atom_id res chain seq x y z
N TRP A 1 -1.86 4.65 -2.69
CA TRP A 1 -3.29 4.56 -3.13
C TRP A 1 -3.98 5.84 -2.72
N GLY A 2 -5.14 6.01 -3.31
CA GLY A 2 -6.08 6.98 -2.88
C GLY A 2 -6.91 6.37 -1.77
N ASN A 3 -7.94 7.08 -1.39
CA ASN A 3 -8.66 6.72 -0.13
C ASN A 3 -9.33 5.34 -0.18
N LEU A 4 -9.99 5.06 -1.31
CA LEU A 4 -10.66 3.79 -1.47
C LEU A 4 -9.63 2.61 -1.29
N GLY A 5 -8.50 2.70 -1.98
CA GLY A 5 -7.49 1.67 -1.87
C GLY A 5 -7.08 1.45 -0.40
N HIS A 6 -6.79 2.54 0.30
CA HIS A 6 -6.35 2.46 1.70
C HIS A 6 -7.41 1.83 2.58
N GLU A 7 -8.66 2.23 2.38
CA GLU A 7 -9.72 1.71 3.19
C GLU A 7 -9.92 0.22 2.92
N THR A 8 -9.82 -0.16 1.65
CA THR A 8 -9.95 -1.58 1.27
C THR A 8 -8.88 -2.46 1.97
N VAL A 9 -7.63 -2.00 1.90
CA VAL A 9 -6.53 -2.68 2.54
C VAL A 9 -6.81 -2.86 4.04
N ALA A 10 -7.25 -1.78 4.68
CA ALA A 10 -7.58 -1.77 6.08
C ALA A 10 -8.71 -2.77 6.43
N TYR A 11 -9.78 -2.81 5.64
CA TYR A 11 -10.87 -3.74 5.94
C TYR A 11 -10.41 -5.19 5.77
N ILE A 12 -9.56 -5.43 4.75
CA ILE A 12 -9.00 -6.77 4.56
C ILE A 12 -8.24 -7.16 5.80
N ALA A 13 -7.35 -6.29 6.30
CA ALA A 13 -6.58 -6.61 7.52
C ALA A 13 -7.55 -6.94 8.71
N GLN A 14 -8.60 -6.15 8.88
CA GLN A 14 -9.57 -6.38 9.96
C GLN A 14 -10.14 -7.79 9.87
N SER A 15 -10.30 -8.33 8.68
CA SER A 15 -10.85 -9.72 8.50
C SER A 15 -9.90 -10.81 8.89
N PHE A 16 -8.61 -10.49 9.04
CA PHE A 16 -7.60 -11.52 9.33
C PHE A 16 -6.94 -11.41 10.67
N VAL A 17 -7.06 -10.27 11.34
CA VAL A 17 -6.35 -10.14 12.64
C VAL A 17 -7.09 -10.96 13.72
N ALA A 18 -6.35 -11.31 14.73
CA ALA A 18 -6.87 -12.00 15.93
C ALA A 18 -7.72 -11.03 16.75
N SER A 19 -8.65 -11.55 17.56
CA SER A 19 -9.49 -10.68 18.41
C SER A 19 -8.66 -9.80 19.34
N SER A 20 -7.58 -10.32 19.88
CA SER A 20 -6.73 -9.56 20.81
C SER A 20 -5.99 -8.42 20.07
N THR A 21 -5.71 -8.66 18.79
CA THR A 21 -5.13 -7.62 17.93
C THR A 21 -6.15 -6.55 17.64
N GLU A 22 -7.36 -6.97 17.36
CA GLU A 22 -8.45 -6.06 17.17
C GLU A 22 -8.55 -5.11 18.41
N SER A 23 -8.61 -5.70 19.60
CA SER A 23 -8.70 -4.88 20.85
C SER A 23 -7.50 -3.98 21.04
N PHE A 24 -6.31 -4.55 20.81
CA PHE A 24 -5.09 -3.79 20.88
C PHE A 24 -5.18 -2.52 20.02
N CYS A 25 -5.67 -2.67 18.78
CA CYS A 25 -5.77 -1.52 17.85
C CYS A 25 -6.92 -0.56 18.22
N GLN A 26 -8.08 -1.12 18.53
CA GLN A 26 -9.20 -0.29 18.88
C GLN A 26 -8.89 0.59 20.11
N ASN A 27 -8.18 0.04 21.10
CA ASN A 27 -7.82 0.79 22.31
C ASN A 27 -6.82 1.94 22.01
N ILE A 28 -5.83 1.72 21.15
CA ILE A 28 -4.94 2.76 20.74
C ILE A 28 -5.68 3.86 19.95
N LEU A 29 -6.54 3.43 19.05
CA LEU A 29 -7.27 4.39 18.22
C LEU A 29 -8.42 5.10 18.93
N GLY A 30 -8.89 4.57 20.09
CA GLY A 30 -10.10 5.05 20.68
C GLY A 30 -11.33 4.84 19.81
N ASP A 31 -11.39 3.71 19.11
CA ASP A 31 -12.47 3.49 18.11
C ASP A 31 -12.87 2.04 18.29
N ASP A 32 -14.10 1.83 18.73
CA ASP A 32 -14.68 0.51 18.96
C ASP A 32 -15.57 0.06 17.80
N SER A 33 -15.59 0.77 16.68
CA SER A 33 -16.46 0.44 15.55
C SER A 33 -15.90 -0.71 14.72
N THR A 34 -16.74 -1.24 13.84
CA THR A 34 -16.33 -2.28 12.95
C THR A 34 -15.61 -1.68 11.70
N SER A 35 -15.25 -0.39 11.75
CA SER A 35 -14.40 0.22 10.75
C SER A 35 -13.15 0.81 11.37
N TYR A 36 -12.75 0.31 12.54
CA TYR A 36 -11.65 0.94 13.29
C TYR A 36 -10.35 1.20 12.47
N LEU A 37 -9.91 0.24 11.67
CA LEU A 37 -8.70 0.46 10.83
C LEU A 37 -9.04 1.29 9.60
N ALA A 38 -10.15 0.96 8.93
CA ALA A 38 -10.57 1.68 7.73
C ALA A 38 -10.74 3.17 8.03
N ASN A 39 -11.22 3.47 9.24
CA ASN A 39 -11.47 4.87 9.61
C ASN A 39 -10.23 5.74 9.72
N VAL A 40 -9.08 5.12 9.96
CA VAL A 40 -7.85 5.85 10.09
C VAL A 40 -6.88 5.60 8.91
N ALA A 41 -7.31 4.82 7.93
CA ALA A 41 -6.41 4.41 6.88
C ALA A 41 -5.94 5.51 5.95
N THR A 42 -6.68 6.62 5.88
CA THR A 42 -6.36 7.75 5.01
C THR A 42 -5.72 8.91 5.73
N TRP A 43 -5.59 8.82 7.04
CA TRP A 43 -5.17 9.93 7.87
C TRP A 43 -3.80 10.48 7.42
N ALA A 44 -2.85 9.59 7.11
CA ALA A 44 -1.54 10.09 6.73
C ALA A 44 -1.54 10.99 5.47
N ASP A 45 -2.45 10.74 4.53
CA ASP A 45 -2.58 11.57 3.37
C ASP A 45 -3.18 13.00 3.63
N THR A 46 -3.88 13.19 4.73
CA THR A 46 -4.21 14.51 5.27
C THR A 46 -3.04 15.15 6.01
N TYR A 47 -2.46 14.39 6.93
CA TYR A 47 -1.40 14.86 7.78
C TYR A 47 -0.26 15.46 7.05
N LYS A 48 0.11 14.84 5.92
CA LYS A 48 1.20 15.33 5.13
C LYS A 48 1.02 16.73 4.53
N TYR A 49 -0.23 17.19 4.38
CA TYR A 49 -0.49 18.53 3.90
C TYR A 49 -0.81 19.52 5.02
N THR A 50 -0.40 19.21 6.25
CA THR A 50 -0.51 20.12 7.39
C THR A 50 0.91 20.62 7.71
N ASP A 51 0.97 21.74 8.43
CA ASP A 51 2.24 22.31 8.81
C ASP A 51 2.99 21.33 9.71
N ALA A 52 2.31 20.75 10.67
CA ALA A 52 2.94 19.80 11.58
C ALA A 52 3.34 18.48 10.90
N GLY A 53 2.61 18.04 9.87
CA GLY A 53 2.85 16.72 9.26
C GLY A 53 3.62 16.71 7.96
N GLU A 54 3.96 17.89 7.44
CA GLU A 54 4.62 18.03 6.16
C GLU A 54 5.91 17.18 6.00
N PHE A 55 6.64 17.04 7.13
CA PHE A 55 7.87 16.22 7.21
C PHE A 55 7.66 14.76 6.75
N SER A 56 6.41 14.29 6.85
CA SER A 56 6.04 12.88 6.58
C SER A 56 5.67 12.60 5.10
N LYS A 57 5.74 13.63 4.22
CA LYS A 57 5.47 13.41 2.81
C LYS A 57 6.30 12.28 2.19
N PRO A 58 7.60 12.22 2.48
CA PRO A 58 8.40 11.17 1.86
C PRO A 58 8.15 9.76 2.37
N TYR A 59 7.43 9.65 3.50
CA TYR A 59 7.14 8.36 4.13
C TYR A 59 6.16 7.51 3.34
N HIS A 60 5.62 8.04 2.23
CA HIS A 60 4.63 7.31 1.40
C HIS A 60 5.29 6.48 0.30
N PHE A 61 6.57 6.71 0.10
CA PHE A 61 7.32 6.27 -1.09
CA PHE A 61 7.23 6.07 -1.02
C PHE A 61 8.69 5.65 -0.76
N ILE A 62 9.17 4.79 -1.66
CA ILE A 62 10.59 4.48 -1.77
C ILE A 62 10.92 4.56 -3.24
N ASP A 63 11.69 5.58 -3.59
CA ASP A 63 11.89 5.98 -4.98
C ASP A 63 12.95 5.11 -5.61
N ALA A 64 12.57 3.91 -6.03
CA ALA A 64 13.50 3.00 -6.68
C ALA A 64 14.21 3.64 -7.93
N GLN A 65 15.53 3.73 -7.90
CA GLN A 65 16.29 4.37 -8.96
C GLN A 65 16.66 3.27 -9.95
N ASP A 66 15.61 2.79 -10.65
CA ASP A 66 15.76 1.70 -11.60
C ASP A 66 15.48 2.17 -13.01
N ASN A 67 15.27 1.25 -13.97
CA ASN A 67 15.07 1.63 -15.36
C ASN A 67 13.95 0.88 -16.05
N PRO A 68 12.70 1.17 -15.67
CA PRO A 68 11.65 0.34 -16.17
C PRO A 68 11.21 0.76 -17.57
N PRO A 69 10.63 -0.16 -18.36
CA PRO A 69 10.29 -1.52 -17.95
C PRO A 69 11.42 -2.54 -18.14
N GLN A 70 12.60 -2.11 -18.58
CA GLN A 70 13.74 -3.05 -18.88
C GLN A 70 14.38 -3.67 -17.63
N SER A 71 14.46 -2.88 -16.55
CA SER A 71 15.06 -3.30 -15.34
C SER A 71 14.39 -2.63 -14.12
N CYS A 72 13.92 -3.47 -13.21
CA CYS A 72 13.33 -3.00 -11.94
C CYS A 72 14.13 -3.51 -10.76
N GLY A 73 14.22 -2.67 -9.75
CA GLY A 73 14.78 -3.06 -8.48
C GLY A 73 14.80 -1.94 -7.48
N VAL A 74 14.70 -2.33 -6.21
CA VAL A 74 14.64 -1.37 -5.15
C VAL A 74 15.62 -1.76 -4.10
N ASP A 75 16.29 -0.76 -3.56
CA ASP A 75 17.32 -0.97 -2.54
C ASP A 75 17.19 0.04 -1.42
N TYR A 76 17.19 -0.43 -0.14
CA TYR A 76 16.96 0.48 0.98
C TYR A 76 17.95 1.65 1.03
N ASP A 77 19.21 1.35 1.13
CA ASP A 77 20.16 2.44 1.29
C ASP A 77 20.29 3.32 0.04
N ARG A 78 20.21 2.72 -1.13
CA ARG A 78 20.31 3.53 -2.34
C ARG A 78 19.12 4.49 -2.49
N ASP A 79 17.93 3.99 -2.15
CA ASP A 79 16.70 4.62 -2.58
C ASP A 79 15.93 5.39 -1.50
N CYS A 80 16.10 5.03 -0.22
CA CYS A 80 15.33 5.65 0.84
C CYS A 80 15.50 7.17 0.85
N GLY A 81 16.75 7.62 0.99
CA GLY A 81 17.04 9.03 0.96
C GLY A 81 17.15 9.58 2.38
N SER A 82 17.73 10.76 2.43
CA SER A 82 18.04 11.41 3.70
C SER A 82 16.81 11.91 4.50
N ALA A 83 15.67 12.10 3.83
CA ALA A 83 14.46 12.55 4.54
C ALA A 83 13.55 11.38 4.96
N GLY A 84 14.02 10.13 4.81
CA GLY A 84 13.18 8.96 5.14
C GLY A 84 12.28 8.54 4.01
N CYS A 85 11.68 7.38 4.20
CA CYS A 85 10.88 6.76 3.13
C CYS A 85 9.89 5.84 3.79
N SER A 86 9.08 5.16 2.99
CA SER A 86 8.16 4.17 3.52
C SER A 86 8.77 3.11 4.44
N ILE A 87 9.95 2.63 4.04
CA ILE A 87 10.65 1.54 4.72
C ILE A 87 11.18 2.00 6.08
N SER A 88 11.82 3.15 6.13
CA SER A 88 12.30 3.66 7.38
C SER A 88 11.16 4.07 8.32
N ALA A 89 10.06 4.59 7.76
CA ALA A 89 8.88 4.83 8.53
C ALA A 89 8.25 3.56 9.16
N ILE A 90 8.13 2.50 8.35
CA ILE A 90 7.62 1.22 8.90
C ILE A 90 8.49 0.77 10.09
N GLN A 91 9.83 0.90 9.97
CA GLN A 91 10.69 0.51 11.06
C GLN A 91 10.41 1.35 12.31
N ASN A 92 10.45 2.65 12.13
CA ASN A 92 10.26 3.58 13.23
C ASN A 92 8.91 3.42 13.94
N TYR A 93 7.84 3.46 13.14
CA TYR A 93 6.49 3.36 13.73
C TYR A 93 6.15 1.98 14.31
N THR A 94 6.68 0.94 13.70
CA THR A 94 6.56 -0.41 14.28
C THR A 94 7.27 -0.45 15.67
N ASN A 95 8.46 0.07 15.71
CA ASN A 95 9.22 0.05 16.96
C ASN A 95 8.63 0.85 18.07
N ILE A 96 8.04 1.99 17.75
CA ILE A 96 7.26 2.71 18.71
C ILE A 96 6.13 1.87 19.29
N LEU A 97 5.45 1.13 18.43
CA LEU A 97 4.35 0.28 18.90
C LEU A 97 4.83 -0.95 19.68
N LEU A 98 6.03 -1.42 19.38
CA LEU A 98 6.68 -2.49 20.18
C LEU A 98 7.18 -2.07 21.56
N GLU A 99 7.63 -0.83 21.65
CA GLU A 99 8.28 -0.31 22.83
C GLU A 99 7.31 0.43 23.70
N SER A 100 6.37 1.16 23.12
CA SER A 100 5.49 2.06 23.88
C SER A 100 4.11 2.16 23.27
N PRO A 101 3.39 1.05 23.24
CA PRO A 101 2.05 1.02 22.63
C PRO A 101 1.03 1.87 23.35
N ASN A 102 1.25 2.11 24.64
CA ASN A 102 0.35 2.91 25.42
C ASN A 102 0.81 4.33 25.56
N GLY A 103 1.89 4.70 24.89
CA GLY A 103 2.48 6.06 24.96
C GLY A 103 1.79 7.01 24.00
N SER A 104 2.19 8.26 24.05
CA SER A 104 1.49 9.29 23.30
C SER A 104 1.85 9.24 21.78
N GLU A 105 2.94 8.58 21.40
CA GLU A 105 3.30 8.43 19.99
C GLU A 105 2.56 7.25 19.27
N ALA A 106 1.93 6.37 20.03
CA ALA A 106 1.36 5.14 19.48
C ALA A 106 0.17 5.37 18.52
N LEU A 107 -0.64 6.39 18.77
CA LEU A 107 -1.78 6.64 17.95
C LEU A 107 -1.36 6.92 16.52
N ASN A 108 -0.51 7.92 16.35
CA ASN A 108 -0.01 8.21 15.02
C ASN A 108 0.83 7.08 14.46
N ALA A 109 1.62 6.38 15.29
CA ALA A 109 2.38 5.27 14.79
C ALA A 109 1.47 4.21 14.14
N LEU A 110 0.35 3.89 14.78
CA LEU A 110 -0.56 2.88 14.24
C LEU A 110 -1.23 3.35 12.94
N LYS A 111 -1.64 4.64 12.93
CA LYS A 111 -2.23 5.24 11.72
C LYS A 111 -1.25 5.20 10.56
N PHE A 112 0.03 5.49 10.83
CA PHE A 112 1.03 5.36 9.82
C PHE A 112 1.24 3.94 9.29
N VAL A 113 1.35 2.96 10.19
CA VAL A 113 1.55 1.58 9.79
C VAL A 113 0.40 1.11 8.88
N VAL A 114 -0.86 1.38 9.27
CA VAL A 114 -2.03 0.97 8.50
C VAL A 114 -1.94 1.57 7.07
N HIS A 115 -1.57 2.84 7.00
CA HIS A 115 -1.49 3.55 5.74
C HIS A 115 -0.31 3.10 4.88
N ILE A 116 0.87 3.08 5.51
CA ILE A 116 2.12 2.91 4.73
C ILE A 116 2.29 1.46 4.21
N ILE A 117 1.82 0.44 4.95
CA ILE A 117 1.85 -0.92 4.38
C ILE A 117 0.98 -0.96 3.08
N GLY A 118 -0.14 -0.22 3.09
CA GLY A 118 -0.90 0.00 1.86
C GLY A 118 -0.02 0.61 0.76
N ASP A 119 0.60 1.75 1.05
CA ASP A 119 1.37 2.41 0.04
C ASP A 119 2.53 1.56 -0.57
N ILE A 120 3.16 0.77 0.28
CA ILE A 120 4.33 -0.11 -0.17
C ILE A 120 3.87 -1.07 -1.25
N HIS A 121 2.58 -1.40 -1.26
CA HIS A 121 2.03 -2.27 -2.31
C HIS A 121 1.55 -1.59 -3.56
N GLN A 122 1.63 -0.24 -3.66
CA GLN A 122 1.26 0.46 -4.91
C GLN A 122 2.56 0.58 -5.66
N PRO A 123 2.69 -0.16 -6.79
CA PRO A 123 4.00 -0.20 -7.44
C PRO A 123 4.62 1.16 -7.72
N LEU A 124 3.81 2.15 -8.11
CA LEU A 124 4.34 3.48 -8.37
C LEU A 124 4.67 4.31 -7.12
N HIS A 125 4.29 3.83 -5.92
CA HIS A 125 4.89 4.33 -4.69
C HIS A 125 6.30 3.77 -4.45
N ASP A 126 6.74 2.85 -5.31
CA ASP A 126 8.04 2.22 -5.18
C ASP A 126 8.90 2.45 -6.41
N GLU A 127 8.82 3.67 -6.98
CA GLU A 127 9.46 3.95 -8.26
C GLU A 127 9.80 5.41 -8.37
N ASN A 128 11.03 5.72 -8.75
CA ASN A 128 11.45 7.09 -8.88
C ASN A 128 10.91 7.85 -10.11
N LEU A 129 10.76 7.13 -11.23
CA LEU A 129 10.50 7.71 -12.55
C LEU A 129 9.41 8.77 -12.54
N GLU A 130 9.82 9.98 -12.93
CA GLU A 130 8.88 11.09 -13.04
CA GLU A 130 8.92 11.11 -13.03
C GLU A 130 8.03 11.25 -11.80
N ALA A 131 8.64 11.21 -10.62
CA ALA A 131 7.91 11.36 -9.35
C ALA A 131 6.81 10.31 -9.20
N GLY A 132 7.20 9.06 -9.32
CA GLY A 132 6.26 7.94 -9.24
C GLY A 132 5.21 7.95 -10.31
N GLY A 133 5.59 8.45 -11.50
CA GLY A 133 4.65 8.63 -12.59
C GLY A 133 3.69 9.78 -12.49
N ASN A 134 3.80 10.59 -11.44
CA ASN A 134 2.96 11.78 -11.35
CA ASN A 134 2.95 11.80 -11.32
C ASN A 134 3.24 12.75 -12.52
N GLY A 135 4.50 12.77 -12.98
CA GLY A 135 4.85 13.63 -14.13
C GLY A 135 4.43 13.12 -15.51
N ILE A 136 3.82 11.93 -15.60
CA ILE A 136 3.44 11.28 -16.86
C ILE A 136 1.96 11.52 -17.05
N ASP A 137 1.63 12.56 -17.83
CA ASP A 137 0.24 12.84 -18.15
C ASP A 137 -0.30 11.78 -19.05
N VAL A 138 -1.52 11.37 -18.79
CA VAL A 138 -2.21 10.32 -19.58
C VAL A 138 -3.67 10.67 -19.80
N THR A 139 -4.30 9.96 -20.73
CA THR A 139 -5.75 10.04 -20.92
C THR A 139 -6.40 8.79 -20.31
N TYR A 140 -7.42 9.01 -19.51
CA TYR A 140 -8.18 7.96 -18.90
C TYR A 140 -9.67 8.35 -19.04
N ASP A 141 -10.38 7.53 -19.79
CA ASP A 141 -11.81 7.68 -20.06
C ASP A 141 -12.09 9.08 -20.66
N GLY A 142 -11.30 9.48 -21.64
CA GLY A 142 -11.41 10.83 -22.25
C GLY A 142 -10.97 12.05 -21.48
N GLU A 143 -10.40 11.87 -20.27
CA GLU A 143 -9.98 12.97 -19.43
C GLU A 143 -8.48 12.88 -19.23
N THR A 144 -7.85 14.05 -19.10
CA THR A 144 -6.45 14.17 -18.84
C THR A 144 -6.22 13.96 -17.32
N THR A 145 -5.30 13.07 -16.97
CA THR A 145 -4.85 12.88 -15.60
C THR A 145 -3.37 12.45 -15.68
N ASN A 146 -2.87 11.71 -14.69
CA ASN A 146 -1.52 11.21 -14.78
C ASN A 146 -1.47 9.75 -14.34
N LEU A 147 -0.37 9.11 -14.71
CA LEU A 147 -0.21 7.69 -14.51
C LEU A 147 -0.30 7.31 -13.03
N HIS A 148 0.32 8.12 -12.16
CA HIS A 148 0.19 7.86 -10.73
C HIS A 148 -1.26 7.85 -10.23
N HIS A 149 -2.01 8.88 -10.65
CA HIS A 149 -3.37 9.08 -10.25
C HIS A 149 -4.28 7.89 -10.65
N ILE A 150 -4.05 7.31 -11.86
CA ILE A 150 -4.90 6.23 -12.27
C ILE A 150 -4.63 4.94 -11.44
N TRP A 151 -3.38 4.72 -11.10
CA TRP A 151 -3.05 3.59 -10.18
C TRP A 151 -3.56 3.80 -8.74
N ASP A 152 -3.41 5.01 -8.20
CA ASP A 152 -3.93 5.30 -6.88
C ASP A 152 -5.42 5.23 -6.78
N THR A 153 -6.10 5.79 -7.80
CA THR A 153 -7.48 6.24 -7.68
C THR A 153 -8.40 5.76 -8.81
N ASN A 154 -8.16 6.13 -10.06
CA ASN A 154 -9.18 5.90 -11.07
C ASN A 154 -9.48 4.44 -11.28
N MET A 155 -8.42 3.63 -11.34
CA MET A 155 -8.59 2.22 -11.67
C MET A 155 -9.16 1.46 -10.48
N PRO A 156 -8.63 1.69 -9.28
CA PRO A 156 -9.28 0.97 -8.14
C PRO A 156 -10.74 1.33 -7.89
N GLU A 157 -11.09 2.61 -8.10
CA GLU A 157 -12.50 3.04 -7.92
C GLU A 157 -13.42 2.43 -9.01
N GLU A 158 -12.90 2.39 -10.23
CA GLU A 158 -13.61 1.72 -11.31
C GLU A 158 -13.85 0.25 -10.99
N ALA A 159 -12.80 -0.46 -10.54
CA ALA A 159 -12.94 -1.89 -10.24
C ALA A 159 -13.93 -2.12 -9.06
N ALA A 160 -13.84 -1.29 -8.01
CA ALA A 160 -14.66 -1.40 -6.80
C ALA A 160 -16.12 -0.99 -7.10
N GLY A 161 -16.33 -0.16 -8.13
CA GLY A 161 -17.68 0.34 -8.47
C GLY A 161 -18.04 1.58 -7.65
N GLY A 162 -17.07 2.37 -7.25
CA GLY A 162 -17.31 3.56 -6.49
C GLY A 162 -16.20 3.93 -5.55
N TYR A 163 -16.54 4.77 -4.57
CA TYR A 163 -15.55 5.28 -3.68
C TYR A 163 -16.00 5.51 -2.23
N SER A 164 -17.17 5.08 -1.86
CA SER A 164 -17.62 5.26 -0.50
C SER A 164 -16.97 4.21 0.43
N LEU A 165 -17.07 4.45 1.72
CA LEU A 165 -16.58 3.49 2.69
C LEU A 165 -17.29 2.14 2.55
N SER A 166 -18.58 2.17 2.30
CA SER A 166 -19.34 0.93 2.10
C SER A 166 -18.89 0.22 0.83
N VAL A 167 -18.55 0.95 -0.21
CA VAL A 167 -17.98 0.33 -1.41
C VAL A 167 -16.60 -0.31 -1.12
N ALA A 168 -15.75 0.36 -0.35
CA ALA A 168 -14.45 -0.19 0.12
C ALA A 168 -14.64 -1.48 0.90
N LYS A 169 -15.66 -1.51 1.73
CA LYS A 169 -15.97 -2.67 2.52
C LYS A 169 -16.38 -3.86 1.64
N THR A 170 -17.22 -3.58 0.63
CA THR A 170 -17.69 -4.61 -0.26
C THR A 170 -16.52 -5.18 -1.06
N TYR A 171 -15.69 -4.28 -1.53
CA TYR A 171 -14.46 -4.63 -2.26
C TYR A 171 -13.52 -5.45 -1.44
N ALA A 172 -13.27 -4.99 -0.22
CA ALA A 172 -12.48 -5.74 0.75
C ALA A 172 -13.03 -7.17 0.94
N ASP A 173 -14.33 -7.31 1.12
CA ASP A 173 -14.93 -8.61 1.25
C ASP A 173 -14.76 -9.52 0.07
N LEU A 174 -14.84 -8.95 -1.15
CA LEU A 174 -14.59 -9.70 -2.36
C LEU A 174 -13.15 -10.24 -2.35
N LEU A 175 -12.21 -9.38 -2.02
CA LEU A 175 -10.77 -9.75 -2.05
C LEU A 175 -10.42 -10.70 -0.92
N THR A 176 -11.09 -10.53 0.19
CA THR A 176 -10.87 -11.38 1.33
C THR A 176 -11.31 -12.83 1.01
N GLU A 177 -12.41 -12.95 0.29
CA GLU A 177 -12.88 -14.25 -0.13
C GLU A 177 -11.90 -14.86 -1.15
N ARG A 178 -11.31 -14.02 -2.02
CA ARG A 178 -10.29 -14.55 -2.89
C ARG A 178 -9.09 -15.14 -2.14
N ILE A 179 -8.70 -14.51 -1.05
CA ILE A 179 -7.63 -15.00 -0.18
C ILE A 179 -8.04 -16.30 0.57
N LYS A 180 -9.24 -16.34 1.13
CA LYS A 180 -9.67 -17.47 1.93
C LYS A 180 -9.86 -18.74 1.09
N THR A 181 -10.62 -18.61 -0.01
CA THR A 181 -11.04 -19.75 -0.82
C THR A 181 -10.85 -19.65 -2.33
N GLY A 182 -10.63 -18.42 -2.83
CA GLY A 182 -10.66 -18.18 -4.26
C GLY A 182 -9.26 -18.23 -4.90
N THR A 183 -9.08 -17.39 -5.89
CA THR A 183 -7.88 -17.45 -6.71
C THR A 183 -6.55 -17.24 -5.97
N TYR A 184 -6.51 -16.55 -4.82
CA TYR A 184 -5.27 -16.39 -4.07
C TYR A 184 -5.06 -17.42 -2.98
N SER A 185 -5.95 -18.42 -2.85
CA SER A 185 -6.04 -19.19 -1.60
C SER A 185 -4.85 -20.13 -1.43
N SER A 186 -4.23 -20.57 -2.51
CA SER A 186 -2.91 -21.27 -2.42
C SER A 186 -1.71 -20.31 -2.31
N LYS A 187 -1.64 -19.37 -3.19
CA LYS A 187 -0.57 -18.38 -3.17
CA LYS A 187 -0.60 -18.37 -3.17
C LYS A 187 -0.38 -17.77 -1.79
N LYS A 188 -1.49 -17.44 -1.11
CA LYS A 188 -1.42 -16.63 0.09
C LYS A 188 -0.65 -17.25 1.23
N ASP A 189 -0.54 -18.59 1.21
CA ASP A 189 0.17 -19.25 2.22
C ASP A 189 1.64 -18.83 2.28
N SER A 190 2.18 -18.29 1.18
CA SER A 190 3.57 -17.87 1.13
C SER A 190 3.66 -16.32 1.25
N TRP A 191 2.51 -15.63 1.36
CA TRP A 191 2.57 -14.13 1.43
C TRP A 191 3.27 -13.56 2.68
N THR A 192 3.31 -14.33 3.76
CA THR A 192 4.01 -13.90 4.96
C THR A 192 5.43 -14.46 5.05
N ASP A 193 5.90 -15.11 4.00
CA ASP A 193 7.29 -15.63 3.99
CA ASP A 193 7.28 -15.63 3.97
C ASP A 193 8.24 -14.48 4.08
N GLY A 194 9.22 -14.61 5.02
CA GLY A 194 10.20 -13.58 5.27
C GLY A 194 9.79 -12.58 6.32
N ILE A 195 8.53 -12.62 6.79
CA ILE A 195 8.14 -11.64 7.77
C ILE A 195 8.96 -11.82 9.07
N ASP A 196 9.41 -10.74 9.64
CA ASP A 196 10.23 -10.79 10.86
C ASP A 196 10.05 -9.49 11.62
N ILE A 197 9.37 -9.59 12.74
CA ILE A 197 9.03 -8.44 13.55
C ILE A 197 10.27 -7.76 14.14
N LYS A 198 11.38 -8.52 14.23
CA LYS A 198 12.66 -7.97 14.61
C LYS A 198 13.48 -7.40 13.48
N ASP A 199 13.01 -7.46 12.25
CA ASP A 199 13.72 -6.87 11.15
C ASP A 199 12.66 -6.18 10.18
N PRO A 200 12.07 -5.07 10.67
CA PRO A 200 11.09 -4.34 9.85
C PRO A 200 11.65 -3.88 8.51
N VAL A 201 12.92 -3.48 8.46
CA VAL A 201 13.47 -3.06 7.19
C VAL A 201 13.49 -4.21 6.18
N SER A 202 14.01 -5.38 6.56
CA SER A 202 14.00 -6.49 5.62
C SER A 202 12.59 -6.90 5.24
N THR A 203 11.70 -6.93 6.20
CA THR A 203 10.34 -7.38 5.96
C THR A 203 9.70 -6.45 4.94
N SER A 204 9.79 -5.14 5.18
CA SER A 204 9.07 -4.25 4.29
C SER A 204 9.74 -4.10 2.94
N MET A 205 11.06 -4.25 2.90
CA MET A 205 11.74 -4.31 1.62
C MET A 205 11.32 -5.50 0.74
N ILE A 206 11.03 -6.66 1.34
CA ILE A 206 10.44 -7.76 0.58
C ILE A 206 9.15 -7.35 -0.10
N TRP A 207 8.30 -6.69 0.64
CA TRP A 207 7.04 -6.24 0.09
C TRP A 207 7.17 -5.22 -1.00
N ALA A 208 8.06 -4.25 -0.80
CA ALA A 208 8.31 -3.21 -1.74
C ALA A 208 8.96 -3.74 -2.98
N ALA A 209 9.94 -4.68 -2.84
CA ALA A 209 10.59 -5.29 -3.96
C ALA A 209 9.62 -6.07 -4.83
N ASP A 210 8.73 -6.83 -4.19
CA ASP A 210 7.63 -7.55 -4.84
CA ASP A 210 7.71 -7.53 -4.96
C ASP A 210 6.76 -6.55 -5.67
N ALA A 211 6.24 -5.52 -5.00
CA ALA A 211 5.44 -4.52 -5.68
C ALA A 211 6.18 -3.83 -6.84
N ASN A 212 7.44 -3.46 -6.62
CA ASN A 212 8.22 -2.78 -7.66
C ASN A 212 8.39 -3.61 -8.97
N THR A 213 8.45 -4.93 -8.82
CA THR A 213 8.52 -5.78 -10.01
C THR A 213 7.37 -5.54 -10.98
N TYR A 214 6.20 -5.18 -10.46
CA TYR A 214 5.08 -4.89 -11.33
C TYR A 214 5.18 -3.59 -12.09
N VAL A 215 6.08 -2.72 -11.69
CA VAL A 215 6.41 -1.54 -12.52
C VAL A 215 6.86 -1.99 -13.91
N CYS A 216 7.79 -2.96 -13.93
CA CYS A 216 8.27 -3.49 -15.19
C CYS A 216 7.27 -4.42 -15.88
N SER A 217 6.62 -5.30 -15.11
CA SER A 217 5.74 -6.30 -15.71
C SER A 217 4.40 -5.78 -16.23
N THR A 218 3.89 -4.67 -15.66
CA THR A 218 2.52 -4.26 -15.82
C THR A 218 2.37 -2.77 -15.98
N VAL A 219 2.94 -1.97 -15.08
CA VAL A 219 2.68 -0.54 -15.14
C VAL A 219 3.22 0.06 -16.43
N LEU A 220 4.46 -0.29 -16.78
CA LEU A 220 5.16 0.33 -17.89
C LEU A 220 5.59 -0.64 -18.96
N ASP A 221 5.09 -1.89 -18.91
CA ASP A 221 5.61 -2.86 -19.88
CA ASP A 221 5.45 -2.94 -19.86
C ASP A 221 5.19 -2.54 -21.32
N ASP A 222 4.11 -1.81 -21.54
CA ASP A 222 3.74 -1.33 -22.87
C ASP A 222 4.70 -0.28 -23.48
N GLY A 223 5.48 0.38 -22.63
CA GLY A 223 6.39 1.47 -23.02
C GLY A 223 5.72 2.81 -22.95
N LEU A 224 6.52 3.85 -22.76
CA LEU A 224 5.97 5.16 -22.61
C LEU A 224 5.30 5.73 -23.82
N ALA A 225 5.66 5.27 -25.01
CA ALA A 225 4.99 5.80 -26.18
C ALA A 225 3.53 5.40 -26.15
N TYR A 226 3.26 4.13 -25.83
CA TYR A 226 1.88 3.66 -25.69
C TYR A 226 1.17 4.39 -24.58
N ILE A 227 1.85 4.46 -23.43
CA ILE A 227 1.28 5.08 -22.23
CA ILE A 227 1.32 5.10 -22.20
C ILE A 227 0.93 6.54 -22.44
N ASN A 228 1.77 7.26 -23.18
CA ASN A 228 1.53 8.65 -23.44
C ASN A 228 0.43 8.89 -24.48
N SER A 229 0.11 7.91 -25.33
CA SER A 229 -0.77 8.13 -26.47
C SER A 229 -2.11 7.41 -26.48
N THR A 230 -2.42 6.62 -25.47
CA THR A 230 -3.55 5.71 -25.53
C THR A 230 -4.41 5.97 -24.35
N ASP A 231 -5.73 5.91 -24.56
CA ASP A 231 -6.62 5.98 -23.43
C ASP A 231 -6.46 4.70 -22.59
N LEU A 232 -6.09 4.85 -21.31
CA LEU A 232 -5.69 3.76 -20.48
C LEU A 232 -6.85 3.13 -19.76
N SER A 233 -8.08 3.62 -19.97
CA SER A 233 -9.24 2.96 -19.40
C SER A 233 -9.71 1.76 -20.20
N GLY A 234 -9.04 1.42 -21.32
CA GLY A 234 -9.38 0.19 -22.10
C GLY A 234 -8.59 -1.05 -21.70
N GLU A 235 -7.86 -1.64 -22.66
CA GLU A 235 -7.04 -2.82 -22.39
C GLU A 235 -6.00 -2.62 -21.23
N TYR A 236 -5.51 -1.39 -21.04
CA TYR A 236 -4.53 -1.13 -19.99
C TYR A 236 -5.16 -1.37 -18.61
N TYR A 237 -6.34 -0.81 -18.42
CA TYR A 237 -7.15 -1.10 -17.22
C TYR A 237 -7.37 -2.62 -17.03
N ASP A 238 -7.80 -3.31 -18.08
CA ASP A 238 -8.01 -4.72 -18.05
C ASP A 238 -6.79 -5.55 -17.60
N LYS A 239 -5.64 -5.21 -18.15
CA LYS A 239 -4.35 -5.81 -17.77
C LYS A 239 -3.95 -5.44 -16.28
N SER A 240 -4.25 -4.23 -15.85
CA SER A 240 -3.84 -3.71 -14.52
C SER A 240 -4.68 -4.26 -13.40
N GLN A 241 -5.95 -4.54 -13.70
CA GLN A 241 -6.88 -4.87 -12.63
C GLN A 241 -6.46 -6.07 -11.79
N PRO A 242 -6.05 -7.17 -12.40
CA PRO A 242 -5.65 -8.34 -11.60
C PRO A 242 -4.44 -8.08 -10.72
N VAL A 243 -3.58 -7.20 -11.20
CA VAL A 243 -2.35 -6.81 -10.48
C VAL A 243 -2.67 -5.92 -9.26
N PHE A 244 -3.42 -4.81 -9.43
CA PHE A 244 -3.72 -3.99 -8.28
C PHE A 244 -4.60 -4.71 -7.31
N GLU A 245 -5.45 -5.59 -7.80
CA GLU A 245 -6.30 -6.38 -6.88
C GLU A 245 -5.45 -7.36 -6.03
N GLU A 246 -4.53 -8.07 -6.67
CA GLU A 246 -3.66 -8.92 -5.90
C GLU A 246 -2.79 -8.15 -4.94
N LEU A 247 -2.32 -6.97 -5.35
CA LEU A 247 -1.44 -6.20 -4.46
C LEU A 247 -2.19 -5.62 -3.27
N ILE A 248 -3.45 -5.23 -3.47
CA ILE A 248 -4.24 -4.74 -2.38
C ILE A 248 -4.52 -5.90 -1.39
N ALA A 249 -4.84 -7.06 -1.95
CA ALA A 249 -5.02 -8.27 -1.16
C ALA A 249 -3.75 -8.61 -0.34
N LYS A 250 -2.59 -8.58 -0.98
CA LYS A 250 -1.34 -8.80 -0.28
C LYS A 250 -1.16 -7.78 0.87
N ALA A 251 -1.45 -6.51 0.58
CA ALA A 251 -1.22 -5.44 1.53
C ALA A 251 -2.10 -5.70 2.77
N GLY A 252 -3.36 -6.09 2.55
CA GLY A 252 -4.28 -6.30 3.67
C GLY A 252 -3.89 -7.50 4.51
N TYR A 253 -3.48 -8.56 3.82
CA TYR A 253 -3.11 -9.80 4.48
C TYR A 253 -1.80 -9.61 5.28
N ARG A 254 -0.85 -8.93 4.66
CA ARG A 254 0.42 -8.65 5.32
C ARG A 254 0.25 -7.68 6.45
N LEU A 255 -0.57 -6.66 6.25
CA LEU A 255 -0.90 -5.75 7.33
C LEU A 255 -1.46 -6.49 8.54
N ALA A 256 -2.38 -7.43 8.31
CA ALA A 256 -2.94 -8.21 9.42
C ALA A 256 -1.85 -9.00 10.16
N ALA A 257 -1.00 -9.69 9.38
CA ALA A 257 0.12 -10.46 9.98
C ALA A 257 1.02 -9.57 10.82
N TRP A 258 1.31 -8.36 10.32
CA TRP A 258 2.21 -7.46 10.99
C TRP A 258 1.58 -6.90 12.29
N LEU A 259 0.29 -6.57 12.23
CA LEU A 259 -0.44 -6.11 13.41
C LEU A 259 -0.51 -7.21 14.46
N ASP A 260 -0.75 -8.45 14.02
CA ASP A 260 -0.76 -9.59 14.96
C ASP A 260 0.59 -9.70 15.68
N LEU A 261 1.68 -9.58 14.94
CA LEU A 261 3.01 -9.56 15.56
C LEU A 261 3.26 -8.43 16.57
N ILE A 262 2.86 -7.23 16.17
CA ILE A 262 2.96 -6.05 17.02
C ILE A 262 2.17 -6.28 18.31
N ALA A 263 0.94 -6.77 18.17
CA ALA A 263 0.05 -6.88 19.33
C ALA A 263 0.52 -8.02 20.26
N SER A 264 1.28 -8.99 19.71
CA SER A 264 1.85 -10.08 20.51
C SER A 264 2.97 -9.60 21.43
N GLN A 265 3.50 -8.38 21.19
CA GLN A 265 4.45 -7.66 22.07
C GLN A 265 5.64 -8.53 22.40
N PRO A 266 6.40 -8.92 21.37
CA PRO A 266 7.61 -9.72 21.64
C PRO A 266 8.65 -8.89 22.47
N SER A 267 9.33 -9.53 23.41
CA SER A 267 10.43 -8.82 24.14
C SER A 267 11.67 -8.75 23.24
ZN ZN B . -1.73 5.81 -0.84
ZN ZN C . 0.08 7.62 1.24
ZN ZN D . 0.03 7.94 -4.52
C1 NAG E . 11.88 6.95 15.42
C2 NAG E . 12.83 6.38 16.48
C3 NAG E . 13.58 7.50 17.21
C4 NAG E . 14.16 8.55 16.23
C5 NAG E . 13.08 9.05 15.27
C6 NAG E . 13.51 10.07 14.21
C7 NAG E . 12.04 4.30 17.51
C8 NAG E . 11.17 3.66 18.59
N2 NAG E . 12.03 5.64 17.44
O3 NAG E . 14.63 6.90 17.98
O4 NAG E . 14.64 9.66 16.98
O5 NAG E . 12.55 7.92 14.58
O6 NAG E . 14.42 9.44 13.31
O7 NAG E . 12.74 3.62 16.76
C1 NAG F . 6.13 10.31 -22.37
C2 NAG F . 7.42 10.47 -23.09
C3 NAG F . 8.51 10.79 -22.07
C4 NAG F . 8.18 12.00 -21.21
C5 NAG F . 6.79 11.83 -20.61
C6 NAG F . 6.44 13.15 -19.94
C7 NAG F . 7.47 9.11 -25.12
C8 NAG F . 8.09 7.89 -25.72
N2 NAG F . 7.83 9.34 -23.87
O3 NAG F . 9.72 11.03 -22.77
O4 NAG F . 9.12 12.11 -20.09
O5 NAG F . 5.85 11.48 -21.62
O6 NAG F . 5.20 12.94 -19.29
O7 NAG F . 6.64 9.83 -25.72
P AS G . -0.27 11.34 -3.91
OP1 AS G . -0.96 12.08 -2.77
S2P AS G . 0.37 9.73 -3.20
OP3 AS G . -1.18 11.23 -5.07
O5' AS G . 0.96 12.23 -4.58
C5' AS G . 1.42 13.32 -3.78
C4' AS G . 2.65 13.92 -4.37
O4' AS G . 3.72 12.97 -4.36
C3' AS G . 2.53 14.42 -5.81
O3' AS G . 3.21 15.67 -5.82
C2' AS G . 3.26 13.37 -6.62
C1' AS G . 4.30 12.84 -5.64
N9 AS G . 4.63 11.44 -5.81
C8 AS G . 3.84 10.36 -6.08
N7 AS G . 4.47 9.21 -6.06
C5 AS G . 5.77 9.56 -5.76
C6 AS G . 6.95 8.83 -5.72
N6 AS G . 6.99 7.49 -5.95
N1 AS G . 8.09 9.49 -5.49
C2 AS G . 8.04 10.82 -5.28
N3 AS G . 6.99 11.64 -5.27
C4 AS G . 5.88 10.94 -5.56
C1 GOL H . -2.39 -2.36 24.30
O1 GOL H . -0.96 -2.59 24.39
C2 GOL H . -2.64 -1.00 23.59
O2 GOL H . -4.00 -0.97 23.15
C3 GOL H . -2.18 0.25 24.41
O3 GOL H . -2.68 0.31 25.77
#